data_9R2Z
#
_entry.id   9R2Z
#
_cell.length_a   30.603
_cell.length_b   41.541
_cell.length_c   63.261
_cell.angle_alpha   90.000
_cell.angle_beta   90.115
_cell.angle_gamma   90.000
#
_symmetry.space_group_name_H-M   'P 1 21 1'
#
loop_
_entity.id
_entity.type
_entity.pdbx_description
1 polymer 'Transcription factor'
2 polymer 'Transcription factor'
3 water water
#
loop_
_entity_poly.entity_id
_entity_poly.type
_entity_poly.pdbx_seq_one_letter_code
_entity_poly.pdbx_strand_id
1 'polypeptide(L)' DEDEIYRHIRQALSSAPRNQYTVELHLQMIKYADKLEHITAKAFCEGTGLSQSLGTEFSKMRNLTRRLKAAGLNTDLL B
2 'polypeptide(L)' MDEDEIYRHIRQALSSAPRNQYTVELHLQMIKYADKLEHITAKAFCEGTGLSQSLGTEFSKMRNLTRRLKAAGLNTDLL A
#
# COMPACT_ATOMS: atom_id res chain seq x y z
N ASP A 1 -17.79 -17.38 3.86
CA ASP A 1 -17.39 -15.98 3.82
C ASP A 1 -16.10 -15.77 3.02
N GLU A 2 -15.03 -16.48 3.39
CA GLU A 2 -13.76 -16.33 2.70
C GLU A 2 -13.90 -16.66 1.22
N ASP A 3 -14.68 -17.69 0.89
CA ASP A 3 -14.81 -18.05 -0.53
C ASP A 3 -15.58 -16.99 -1.31
N GLU A 4 -16.56 -16.33 -0.69
CA GLU A 4 -17.23 -15.23 -1.36
C GLU A 4 -16.27 -14.05 -1.55
N ILE A 5 -15.43 -13.78 -0.55
CA ILE A 5 -14.42 -12.73 -0.67
C ILE A 5 -13.50 -13.03 -1.85
N TYR A 6 -13.03 -14.26 -1.96
CA TYR A 6 -12.11 -14.60 -3.05
C TYR A 6 -12.80 -14.44 -4.40
N ARG A 7 -14.09 -14.80 -4.50
CA ARG A 7 -14.78 -14.58 -5.77
C ARG A 7 -14.83 -13.11 -6.12
N HIS A 8 -15.11 -12.25 -5.14
CA HIS A 8 -15.16 -10.80 -5.38
C HIS A 8 -13.81 -10.28 -5.84
N ILE A 9 -12.73 -10.75 -5.23
CA ILE A 9 -11.39 -10.33 -5.63
C ILE A 9 -11.11 -10.79 -7.05
N ARG A 10 -11.45 -12.03 -7.37
CA ARG A 10 -11.21 -12.53 -8.73
C ARG A 10 -11.99 -11.73 -9.76
N GLN A 11 -13.25 -11.39 -9.46
CA GLN A 11 -14.02 -10.59 -10.41
C GLN A 11 -13.36 -9.23 -10.63
N ALA A 12 -12.85 -8.62 -9.56
CA ALA A 12 -12.22 -7.30 -9.68
C ALA A 12 -10.93 -7.38 -10.47
N LEU A 13 -10.11 -8.41 -10.23
CA LEU A 13 -8.83 -8.51 -10.92
C LEU A 13 -9.01 -8.90 -12.38
N SER A 14 -9.91 -9.84 -12.66
CA SER A 14 -10.17 -10.23 -14.04
C SER A 14 -10.69 -9.09 -14.89
N SER A 15 -11.27 -8.06 -14.26
CA SER A 15 -11.85 -6.92 -14.95
C SER A 15 -10.88 -5.77 -15.12
N ALA A 16 -9.70 -5.83 -14.50
CA ALA A 16 -8.81 -4.68 -14.49
C ALA A 16 -7.97 -4.64 -15.78
N PRO A 17 -7.82 -3.47 -16.39
CA PRO A 17 -6.88 -3.35 -17.51
C PRO A 17 -5.46 -3.57 -17.02
N ARG A 18 -4.60 -4.01 -17.94
CA ARG A 18 -3.19 -4.25 -17.63
C ARG A 18 -2.59 -3.12 -16.80
N ASN A 19 -2.75 -1.87 -17.24
CA ASN A 19 -2.05 -0.77 -16.57
C ASN A 19 -2.68 -0.39 -15.24
N GLN A 20 -3.76 -1.08 -14.82
CA GLN A 20 -4.35 -0.88 -13.52
C GLN A 20 -4.30 -2.13 -12.66
N TYR A 21 -3.71 -3.22 -13.16
CA TYR A 21 -3.76 -4.50 -12.47
C TYR A 21 -3.02 -4.46 -11.14
N THR A 22 -1.79 -3.94 -11.14
CA THR A 22 -1.00 -3.88 -9.91
C THR A 22 -1.70 -3.04 -8.84
N VAL A 23 -2.24 -1.89 -9.24
CA VAL A 23 -3.01 -1.06 -8.32
C VAL A 23 -4.20 -1.83 -7.78
N GLU A 24 -4.99 -2.44 -8.67
CA GLU A 24 -6.20 -3.13 -8.23
C GLU A 24 -5.86 -4.29 -7.29
N LEU A 25 -4.77 -5.02 -7.59
CA LEU A 25 -4.32 -6.10 -6.74
C LEU A 25 -4.07 -5.62 -5.32
N HIS A 26 -3.33 -4.53 -5.18
CA HIS A 26 -3.02 -4.00 -3.87
C HIS A 26 -4.27 -3.49 -3.17
N LEU A 27 -5.17 -2.84 -3.91
CA LEU A 27 -6.38 -2.32 -3.30
C LEU A 27 -7.31 -3.44 -2.83
N GLN A 28 -7.38 -4.55 -3.58
CA GLN A 28 -8.21 -5.68 -3.15
C GLN A 28 -7.63 -6.32 -1.90
N MET A 29 -6.31 -6.40 -1.81
CA MET A 29 -5.68 -6.93 -0.61
C MET A 29 -6.01 -6.06 0.59
N ILE A 30 -5.87 -4.74 0.43
CA ILE A 30 -6.21 -3.81 1.51
C ILE A 30 -7.70 -3.89 1.85
N LYS A 31 -8.55 -4.01 0.81
CA LYS A 31 -9.99 -4.03 1.02
C LYS A 31 -10.42 -5.14 1.98
N TYR A 32 -9.84 -6.33 1.84
CA TYR A 32 -10.35 -7.50 2.53
C TYR A 32 -9.43 -8.00 3.64
N ALA A 33 -8.26 -7.37 3.83
CA ALA A 33 -7.31 -7.87 4.82
C ALA A 33 -7.94 -7.99 6.22
N ASP A 34 -8.79 -7.02 6.60
CA ASP A 34 -9.38 -7.02 7.94
C ASP A 34 -10.40 -8.14 8.15
N LYS A 35 -10.87 -8.78 7.09
CA LYS A 35 -11.76 -9.92 7.19
C LYS A 35 -11.02 -11.23 7.01
N LEU A 36 -9.71 -11.18 6.76
CA LEU A 36 -8.90 -12.35 6.49
C LEU A 36 -7.71 -12.43 7.44
N GLU A 37 -7.84 -11.92 8.66
CA GLU A 37 -6.68 -11.80 9.53
C GLU A 37 -6.10 -13.16 9.89
N HIS A 38 -6.93 -14.20 9.86
CA HIS A 38 -6.53 -15.53 10.29
C HIS A 38 -5.92 -16.38 9.18
N ILE A 39 -5.97 -15.92 7.94
CA ILE A 39 -5.57 -16.69 6.78
C ILE A 39 -4.07 -16.52 6.53
N THR A 40 -3.42 -17.57 6.04
CA THR A 40 -2.04 -17.44 5.61
C THR A 40 -1.97 -16.76 4.25
N ALA A 41 -0.80 -16.20 3.95
CA ALA A 41 -0.59 -15.61 2.64
C ALA A 41 -0.74 -16.65 1.54
N LYS A 42 -0.27 -17.87 1.80
CA LYS A 42 -0.40 -18.95 0.82
C LYS A 42 -1.86 -19.23 0.50
N ALA A 43 -2.70 -19.29 1.53
CA ALA A 43 -4.13 -19.54 1.32
C ALA A 43 -4.78 -18.39 0.56
N PHE A 44 -4.34 -17.15 0.83
CA PHE A 44 -4.91 -16.01 0.12
C PHE A 44 -4.63 -16.11 -1.37
N CYS A 45 -3.41 -16.47 -1.74
CA CYS A 45 -3.05 -16.55 -3.15
C CYS A 45 -3.79 -17.69 -3.83
N GLU A 46 -3.92 -18.83 -3.14
CA GLU A 46 -4.68 -19.96 -3.70
C GLU A 46 -6.14 -19.57 -3.93
N GLY A 47 -6.73 -18.85 -2.97
CA GLY A 47 -8.14 -18.52 -3.09
C GLY A 47 -8.43 -17.54 -4.22
N THR A 48 -7.49 -16.65 -4.52
CA THR A 48 -7.71 -15.55 -5.46
C THR A 48 -7.12 -15.79 -6.84
N GLY A 49 -6.45 -16.91 -7.06
CA GLY A 49 -5.86 -17.18 -8.35
C GLY A 49 -4.54 -16.48 -8.60
N LEU A 50 -3.92 -15.94 -7.55
CA LEU A 50 -2.66 -15.23 -7.68
C LEU A 50 -1.49 -16.19 -7.52
N SER A 51 -0.39 -15.85 -8.20
CA SER A 51 0.85 -16.58 -7.99
C SER A 51 1.22 -16.53 -6.53
N GLN A 52 1.70 -17.67 -6.01
CA GLN A 52 2.16 -17.74 -4.63
C GLN A 52 3.29 -16.76 -4.35
N SER A 53 3.99 -16.29 -5.39
CA SER A 53 5.03 -15.29 -5.22
C SER A 53 4.48 -13.97 -4.68
N LEU A 54 3.16 -13.75 -4.75
CA LEU A 54 2.56 -12.53 -4.25
C LEU A 54 2.20 -12.61 -2.78
N GLY A 55 2.55 -13.70 -2.10
CA GLY A 55 2.19 -13.86 -0.71
C GLY A 55 2.79 -12.80 0.18
N THR A 56 4.09 -12.50 0.00
CA THR A 56 4.71 -11.45 0.80
C THR A 56 4.00 -10.12 0.62
N GLU A 57 3.52 -9.84 -0.59
CA GLU A 57 2.81 -8.60 -0.85
C GLU A 57 1.51 -8.53 -0.07
N PHE A 58 0.78 -9.65 0.00
CA PHE A 58 -0.40 -9.70 0.84
C PHE A 58 -0.04 -9.47 2.31
N SER A 59 1.04 -10.11 2.78
CA SER A 59 1.42 -9.93 4.17
C SER A 59 1.73 -8.46 4.47
N LYS A 60 2.41 -7.79 3.55
CA LYS A 60 2.68 -6.36 3.72
C LYS A 60 1.40 -5.56 3.73
N MET A 61 0.51 -5.79 2.76
CA MET A 61 -0.70 -4.99 2.68
C MET A 61 -1.60 -5.19 3.89
N ARG A 62 -1.64 -6.44 4.41
CA ARG A 62 -2.45 -6.69 5.59
C ARG A 62 -1.94 -5.90 6.81
N ASN A 63 -0.61 -5.79 6.94
CA ASN A 63 -0.05 -4.97 8.01
C ASN A 63 -0.35 -3.49 7.78
N LEU A 64 -0.21 -3.05 6.53
CA LEU A 64 -0.44 -1.65 6.22
C LEU A 64 -1.88 -1.26 6.50
N THR A 65 -2.82 -2.16 6.20
CA THR A 65 -4.24 -1.83 6.28
C THR A 65 -4.65 -1.40 7.70
N ARG A 66 -4.06 -2.02 8.73
CA ARG A 66 -4.43 -1.66 10.10
C ARG A 66 -4.13 -0.18 10.36
N ARG A 67 -2.99 0.30 9.89
CA ARG A 67 -2.63 1.70 10.11
C ARG A 67 -3.43 2.64 9.22
N LEU A 68 -3.78 2.23 8.02
CA LEU A 68 -4.60 3.07 7.17
C LEU A 68 -5.99 3.24 7.75
N LYS A 69 -6.56 2.15 8.30
CA LYS A 69 -7.86 2.25 8.96
C LYS A 69 -7.82 3.23 10.12
N ALA A 70 -6.74 3.21 10.91
CA ALA A 70 -6.62 4.14 12.02
C ALA A 70 -6.57 5.59 11.54
N ALA A 71 -6.20 5.82 10.29
CA ALA A 71 -6.16 7.15 9.70
C ALA A 71 -7.39 7.44 8.86
N GLY A 72 -8.45 6.67 9.00
CA GLY A 72 -9.74 7.00 8.42
C GLY A 72 -10.17 6.17 7.23
N LEU A 73 -9.32 5.28 6.73
CA LEU A 73 -9.72 4.45 5.59
C LEU A 73 -10.91 3.58 5.96
N ASN A 74 -11.95 3.64 5.12
CA ASN A 74 -13.10 2.75 5.25
C ASN A 74 -12.95 1.73 4.12
N THR A 75 -12.51 0.52 4.46
CA THR A 75 -12.20 -0.46 3.41
C THR A 75 -13.42 -0.88 2.63
N ASP A 76 -14.63 -0.72 3.18
CA ASP A 76 -15.85 -1.02 2.44
C ASP A 76 -15.99 -0.18 1.18
N LEU A 77 -15.34 0.97 1.13
CA LEU A 77 -15.48 1.90 0.00
C LEU A 77 -14.45 1.67 -1.09
N LEU A 78 -13.56 0.71 -0.95
CA LEU A 78 -12.57 0.41 -1.98
C LEU A 78 -13.17 -0.42 -3.12
N MET B 1 4.85 22.76 0.41
CA MET B 1 6.13 22.26 0.90
C MET B 1 7.08 21.99 -0.25
N ASP B 2 8.31 22.50 -0.14
CA ASP B 2 9.35 22.13 -1.10
C ASP B 2 9.60 20.63 -1.01
N GLU B 3 10.11 20.07 -2.11
CA GLU B 3 10.34 18.63 -2.14
C GLU B 3 11.35 18.20 -1.10
N ASP B 4 12.41 18.98 -0.88
CA ASP B 4 13.40 18.53 0.09
C ASP B 4 12.84 18.51 1.49
N GLU B 5 11.98 19.46 1.85
CA GLU B 5 11.38 19.41 3.17
C GLU B 5 10.46 18.20 3.32
N ILE B 6 9.76 17.80 2.26
CA ILE B 6 9.00 16.55 2.31
C ILE B 6 9.93 15.38 2.57
N TYR B 7 11.04 15.31 1.83
CA TYR B 7 11.99 14.22 2.06
C TYR B 7 12.48 14.21 3.50
N ARG B 8 12.72 15.38 4.09
CA ARG B 8 13.17 15.42 5.48
C ARG B 8 12.10 14.87 6.42
N HIS B 9 10.84 15.16 6.14
CA HIS B 9 9.76 14.60 6.98
C HIS B 9 9.75 13.08 6.90
N ILE B 10 9.94 12.53 5.69
CA ILE B 10 9.99 11.08 5.52
C ILE B 10 11.19 10.51 6.26
N ARG B 11 12.37 11.12 6.08
CA ARG B 11 13.55 10.63 6.78
C ARG B 11 13.37 10.66 8.28
N GLN B 12 12.71 11.72 8.79
CA GLN B 12 12.53 11.83 10.23
C GLN B 12 11.60 10.75 10.75
N ALA B 13 10.51 10.49 10.03
CA ALA B 13 9.58 9.45 10.46
C ALA B 13 10.25 8.08 10.42
N LEU B 14 11.06 7.82 9.40
CA LEU B 14 11.77 6.54 9.34
C LEU B 14 12.77 6.40 10.47
N SER B 15 13.54 7.45 10.75
CA SER B 15 14.50 7.42 11.84
C SER B 15 13.81 7.22 13.18
N SER B 16 12.59 7.72 13.33
CA SER B 16 11.87 7.66 14.60
C SER B 16 11.20 6.31 14.83
N ALA B 17 10.99 5.53 13.79
CA ALA B 17 10.19 4.32 13.93
C ALA B 17 11.03 3.18 14.51
N PRO B 18 10.43 2.35 15.36
CA PRO B 18 11.11 1.12 15.78
C PRO B 18 11.45 0.27 14.58
N ARG B 19 12.56 -0.48 14.68
CA ARG B 19 12.96 -1.41 13.63
C ARG B 19 11.82 -2.31 13.17
N ASN B 20 11.02 -2.83 14.10
CA ASN B 20 9.96 -3.77 13.72
C ASN B 20 8.76 -3.08 13.10
N GLN B 21 8.75 -1.75 13.03
CA GLN B 21 7.72 -1.01 12.33
C GLN B 21 8.26 -0.26 11.12
N TYR B 22 9.52 -0.48 10.77
CA TYR B 22 10.17 0.30 9.72
C TYR B 22 9.47 0.13 8.38
N THR B 23 9.23 -1.11 7.97
CA THR B 23 8.70 -1.35 6.64
C THR B 23 7.28 -0.79 6.49
N VAL B 24 6.45 -0.98 7.51
CA VAL B 24 5.11 -0.40 7.48
C VAL B 24 5.20 1.12 7.43
N GLU B 25 6.06 1.70 8.28
CA GLU B 25 6.19 3.15 8.30
C GLU B 25 6.65 3.69 6.95
N LEU B 26 7.59 2.98 6.31
CA LEU B 26 8.03 3.43 4.99
C LEU B 26 6.88 3.49 4.01
N HIS B 27 6.04 2.45 3.98
CA HIS B 27 4.92 2.45 3.04
C HIS B 27 3.92 3.53 3.40
N LEU B 28 3.69 3.77 4.70
CA LEU B 28 2.75 4.81 5.10
C LEU B 28 3.26 6.19 4.72
N GLN B 29 4.57 6.44 4.88
CA GLN B 29 5.13 7.73 4.50
C GLN B 29 5.06 7.95 2.99
N MET B 30 5.26 6.89 2.21
CA MET B 30 5.09 6.98 0.76
C MET B 30 3.67 7.40 0.42
N ILE B 31 2.68 6.77 1.07
CA ILE B 31 1.29 7.13 0.82
C ILE B 31 1.00 8.55 1.29
N LYS B 32 1.54 8.93 2.46
CA LYS B 32 1.24 10.23 3.04
C LYS B 32 1.62 11.37 2.09
N TYR B 33 2.75 11.26 1.43
CA TYR B 33 3.31 12.38 0.67
C TYR B 33 3.25 12.19 -0.83
N ALA B 34 2.73 11.07 -1.32
CA ALA B 34 2.75 10.78 -2.75
C ALA B 34 2.12 11.90 -3.55
N ASP B 35 0.99 12.45 -3.09
CA ASP B 35 0.28 13.43 -3.89
C ASP B 35 0.92 14.80 -3.85
N LYS B 36 1.89 15.03 -2.97
CA LYS B 36 2.71 16.24 -2.98
C LYS B 36 3.99 16.04 -3.76
N LEU B 37 4.21 14.85 -4.31
CA LEU B 37 5.41 14.45 -5.01
C LEU B 37 5.05 13.88 -6.38
N GLU B 38 3.95 14.35 -6.98
CA GLU B 38 3.48 13.74 -8.21
C GLU B 38 4.46 13.90 -9.34
N HIS B 39 5.34 14.90 -9.26
CA HIS B 39 6.24 15.27 -10.33
C HIS B 39 7.61 14.59 -10.24
N ILE B 40 7.85 13.71 -9.26
CA ILE B 40 9.17 13.14 -9.08
C ILE B 40 9.19 11.69 -9.56
N THR B 41 10.36 11.23 -9.99
CA THR B 41 10.56 9.83 -10.29
C THR B 41 10.82 9.06 -9.00
N ALA B 42 10.64 7.73 -9.08
CA ALA B 42 10.98 6.89 -7.94
C ALA B 42 12.47 6.97 -7.62
N LYS B 43 13.31 7.10 -8.64
CA LYS B 43 14.74 7.26 -8.40
C LYS B 43 15.02 8.51 -7.57
N ALA B 44 14.37 9.63 -7.92
CA ALA B 44 14.56 10.86 -7.17
C ALA B 44 13.99 10.73 -5.76
N PHE B 45 12.89 10.00 -5.60
CA PHE B 45 12.37 9.73 -4.26
C PHE B 45 13.40 9.03 -3.40
N CYS B 46 14.00 7.95 -3.93
CA CYS B 46 14.97 7.19 -3.15
C CYS B 46 16.21 8.03 -2.83
N GLU B 47 16.69 8.80 -3.81
CA GLU B 47 17.83 9.67 -3.55
C GLU B 47 17.51 10.70 -2.47
N GLY B 48 16.33 11.30 -2.53
CA GLY B 48 15.97 12.33 -1.58
C GLY B 48 15.77 11.81 -0.17
N THR B 49 15.35 10.54 -0.01
CA THR B 49 15.07 9.98 1.30
C THR B 49 16.19 9.08 1.81
N GLY B 50 17.28 8.94 1.07
CA GLY B 50 18.39 8.09 1.51
C GLY B 50 18.11 6.60 1.43
N LEU B 51 17.22 6.18 0.54
CA LEU B 51 16.86 4.78 0.40
C LEU B 51 17.53 4.16 -0.81
N SER B 52 17.75 2.85 -0.72
CA SER B 52 18.21 2.10 -1.87
C SER B 52 17.25 2.27 -3.04
N GLN B 53 17.81 2.33 -4.25
CA GLN B 53 16.98 2.39 -5.45
C GLN B 53 16.05 1.20 -5.58
N SER B 54 16.38 0.07 -4.93
CA SER B 54 15.50 -1.08 -4.97
C SER B 54 14.15 -0.82 -4.31
N LEU B 55 14.04 0.24 -3.50
CA LEU B 55 12.76 0.61 -2.91
C LEU B 55 11.93 1.51 -3.80
N GLY B 56 12.50 1.95 -4.93
CA GLY B 56 11.72 2.78 -5.85
C GLY B 56 10.44 2.11 -6.28
N THR B 57 10.50 0.79 -6.54
CA THR B 57 9.30 0.07 -6.95
C THR B 57 8.21 0.12 -5.88
N GLU B 58 8.60 0.15 -4.61
CA GLU B 58 7.60 0.30 -3.55
C GLU B 58 6.92 1.66 -3.62
N PHE B 59 7.67 2.73 -3.88
CA PHE B 59 7.05 4.04 -4.04
C PHE B 59 6.12 4.06 -5.25
N SER B 60 6.55 3.44 -6.35
CA SER B 60 5.69 3.39 -7.54
C SER B 60 4.37 2.69 -7.23
N LYS B 61 4.42 1.60 -6.46
CA LYS B 61 3.17 0.93 -6.10
C LYS B 61 2.33 1.80 -5.19
N MET B 62 2.93 2.35 -4.14
CA MET B 62 2.15 3.09 -3.15
C MET B 62 1.57 4.37 -3.72
N ARG B 63 2.36 5.09 -4.53
CA ARG B 63 1.94 6.40 -4.98
C ARG B 63 0.70 6.34 -5.85
N ASN B 64 0.46 5.19 -6.49
CA ASN B 64 -0.70 5.05 -7.35
C ASN B 64 -1.93 4.51 -6.63
N LEU B 65 -1.85 4.33 -5.32
CA LEU B 65 -2.99 3.92 -4.51
C LEU B 65 -3.73 5.10 -3.88
N THR B 66 -3.13 6.30 -3.90
CA THR B 66 -3.66 7.38 -3.07
C THR B 66 -5.04 7.83 -3.50
N ARG B 67 -5.30 7.90 -4.80
CA ARG B 67 -6.60 8.40 -5.24
C ARG B 67 -7.73 7.56 -4.68
N ARG B 68 -7.63 6.24 -4.80
CA ARG B 68 -8.69 5.36 -4.31
C ARG B 68 -8.73 5.32 -2.78
N LEU B 69 -7.56 5.34 -2.13
CA LEU B 69 -7.55 5.31 -0.67
C LEU B 69 -8.18 6.57 -0.08
N LYS B 70 -7.83 7.75 -0.62
CA LYS B 70 -8.40 8.99 -0.13
C LYS B 70 -9.90 9.06 -0.40
N ALA B 71 -10.34 8.54 -1.56
CA ALA B 71 -11.76 8.52 -1.88
C ALA B 71 -12.52 7.63 -0.90
N ALA B 72 -11.84 6.66 -0.31
CA ALA B 72 -12.42 5.77 0.68
C ALA B 72 -12.19 6.26 2.11
N GLY B 73 -11.69 7.49 2.28
CA GLY B 73 -11.67 8.12 3.59
C GLY B 73 -10.31 8.30 4.21
N LEU B 74 -9.24 7.78 3.61
CA LEU B 74 -7.93 7.94 4.21
C LEU B 74 -7.59 9.41 4.37
N ASN B 75 -7.20 9.80 5.58
CA ASN B 75 -6.78 11.16 5.91
C ASN B 75 -5.26 11.12 6.08
N THR B 76 -4.52 11.60 5.08
CA THR B 76 -3.07 11.50 5.18
C THR B 76 -2.49 12.44 6.24
N ASP B 77 -3.25 13.44 6.68
CA ASP B 77 -2.79 14.28 7.79
C ASP B 77 -2.68 13.49 9.09
N LEU B 78 -3.37 12.35 9.19
CA LEU B 78 -3.33 11.49 10.36
C LEU B 78 -2.19 10.47 10.31
N LEU B 79 -1.46 10.40 9.20
CA LEU B 79 -0.33 9.49 9.07
C LEU B 79 0.98 10.14 9.52
#